data_4E1Z
#
_entry.id   4E1Z
#
_cell.length_a   68.030
_cell.length_b   68.030
_cell.length_c   152.999
_cell.angle_alpha   90.00
_cell.angle_beta   90.00
_cell.angle_gamma   120.00
#
_symmetry.space_group_name_H-M   'P 31 2 1'
#
loop_
_entity.id
_entity.type
_entity.pdbx_description
1 polymer 'Non-receptor tyrosine-protein kinase TYK2'
2 non-polymer N-[5-(4-{[(3-chlorophenyl)sulfonyl]amino}phenyl)-1H-indazol-3-yl]furan-2-carboxamide
3 water water
#
_entity_poly.entity_id   1
_entity_poly.type   'polypeptide(L)'
_entity_poly.pdbx_seq_one_letter_code
;SDPTVFHKRYLKKIRDLGEGHFGKVSLYCYDPTNDGTGEMVAVKALKEGCGPQLRSGWQREIEILRTLYHEHIVKYKGCC
EDQGEKSVQLVMEYVPLGSLRDYLPRHCVGLAQLLLFAQQICEGMAYLHAQHYIHRALAARNVLLDNDRLVKIGDFGLAK
AVPEGHEYYRVREDGDSPVFWYAPECLKECKFYYASDVWSFGVTLYELLTYCDSNQSPHTKFTELIGHTQGQMTVLRLTE
LLERGERLPRPDRCPCEIYHLMKNCWETEASFRPTFQNLVPILQTAQEKYQ
;
_entity_poly.pdbx_strand_id   A
#
# COMPACT_ATOMS: atom_id res chain seq x y z
N SER A 1 28.41 -1.97 17.29
CA SER A 1 27.46 -0.85 17.27
C SER A 1 25.96 -1.30 17.19
N ASP A 2 25.06 -0.43 17.69
CA ASP A 2 23.59 -0.58 17.65
C ASP A 2 23.15 -0.61 16.16
N PRO A 3 22.60 -1.76 15.67
CA PRO A 3 22.22 -1.84 14.23
C PRO A 3 21.13 -0.86 13.76
N THR A 4 20.48 -0.16 14.71
CA THR A 4 19.37 0.76 14.49
C THR A 4 19.81 2.21 14.47
N VAL A 5 21.07 2.49 14.78
CA VAL A 5 21.57 3.86 14.75
C VAL A 5 22.28 4.13 13.42
N PHE A 6 21.79 5.16 12.70
CA PHE A 6 22.34 5.62 11.43
C PHE A 6 22.69 7.08 11.60
N HIS A 7 23.99 7.38 11.53
CA HIS A 7 24.44 8.76 11.65
C HIS A 7 24.43 9.38 10.28
N LYS A 8 23.84 10.60 10.19
CA LYS A 8 23.72 11.38 8.96
C LYS A 8 25.05 11.47 8.22
N ARG A 9 26.17 11.63 8.95
CA ARG A 9 27.54 11.73 8.41
C ARG A 9 27.99 10.58 7.52
N TYR A 10 27.39 9.39 7.69
CA TYR A 10 27.71 8.21 6.90
C TYR A 10 26.64 7.88 5.86
N LEU A 11 25.60 8.72 5.77
CA LEU A 11 24.53 8.55 4.80
C LEU A 11 24.85 9.36 3.60
N LYS A 12 24.77 8.77 2.41
CA LYS A 12 25.02 9.48 1.14
C LYS A 12 23.83 9.23 0.19
N LYS A 13 23.15 10.31 -0.19
CA LYS A 13 21.99 10.27 -1.08
C LYS A 13 22.39 9.91 -2.47
N ILE A 14 21.68 8.92 -3.05
CA ILE A 14 21.87 8.45 -4.42
C ILE A 14 20.78 9.11 -5.28
N ARG A 15 19.50 8.81 -5.00
CA ARG A 15 18.33 9.34 -5.73
C ARG A 15 17.05 9.26 -4.88
N ASP A 16 15.96 9.84 -5.40
CA ASP A 16 14.63 9.75 -4.79
C ASP A 16 13.97 8.43 -5.25
N LEU A 17 13.10 7.84 -4.38
CA LEU A 17 12.42 6.56 -4.63
C LEU A 17 10.92 6.68 -4.69
N GLY A 18 10.38 7.66 -3.99
CA GLY A 18 8.95 7.87 -3.89
C GLY A 18 8.61 9.10 -3.07
N GLU A 19 7.42 9.64 -3.33
CA GLU A 19 6.90 10.86 -2.73
C GLU A 19 5.38 10.73 -2.52
N GLY A 20 4.94 11.01 -1.31
CA GLY A 20 3.53 11.03 -0.95
C GLY A 20 3.19 12.44 -0.53
N HIS A 21 1.98 12.66 0.01
CA HIS A 21 1.53 13.97 0.45
C HIS A 21 2.34 14.53 1.63
N PHE A 22 2.84 13.64 2.50
CA PHE A 22 3.53 14.00 3.74
C PHE A 22 5.00 13.64 3.80
N GLY A 23 5.36 12.53 3.15
CA GLY A 23 6.72 12.01 3.18
C GLY A 23 7.43 11.92 1.86
N LYS A 24 8.72 11.72 1.95
CA LYS A 24 9.61 11.51 0.83
C LYS A 24 10.49 10.31 1.18
N VAL A 25 10.68 9.39 0.23
CA VAL A 25 11.53 8.22 0.41
C VAL A 25 12.67 8.30 -0.62
N SER A 26 13.93 8.22 -0.16
CA SER A 26 15.13 8.33 -0.99
C SER A 26 16.05 7.16 -0.72
N LEU A 27 16.96 6.86 -1.69
CA LEU A 27 17.95 5.81 -1.55
C LEU A 27 19.25 6.43 -1.08
N TYR A 28 19.86 5.78 -0.07
CA TYR A 28 21.11 6.21 0.52
C TYR A 28 22.07 5.06 0.56
N CYS A 29 23.36 5.37 0.57
CA CYS A 29 24.43 4.42 0.79
C CYS A 29 24.88 4.66 2.21
N TYR A 30 24.89 3.61 3.06
CA TYR A 30 25.40 3.72 4.43
C TYR A 30 26.80 3.15 4.42
N ASP A 31 27.80 4.02 4.55
CA ASP A 31 29.20 3.59 4.59
C ASP A 31 29.99 4.21 5.77
N PRO A 32 29.79 3.71 7.01
CA PRO A 32 30.56 4.26 8.16
C PRO A 32 32.09 4.13 8.04
N THR A 33 32.58 3.02 7.45
CA THR A 33 34.02 2.74 7.28
C THR A 33 34.63 3.27 5.97
N ASN A 34 33.84 4.00 5.15
CA ASN A 34 34.24 4.53 3.84
C ASN A 34 34.92 3.46 2.94
N ASP A 35 34.41 2.19 3.00
CA ASP A 35 34.88 0.99 2.28
C ASP A 35 34.59 0.88 0.75
N GLY A 36 34.02 1.95 0.17
CA GLY A 36 33.66 1.99 -1.26
C GLY A 36 32.32 1.34 -1.60
N THR A 37 32.04 0.15 -1.02
CA THR A 37 30.81 -0.63 -1.22
C THR A 37 29.60 -0.12 -0.39
N GLY A 38 29.65 -0.30 0.93
CA GLY A 38 28.59 0.14 1.84
C GLY A 38 27.30 -0.66 1.71
N GLU A 39 26.29 -0.25 2.47
CA GLU A 39 24.98 -0.88 2.47
C GLU A 39 23.94 0.10 1.93
N MET A 40 23.06 -0.38 1.06
CA MET A 40 22.00 0.43 0.46
C MET A 40 20.83 0.39 1.38
N VAL A 41 20.25 1.56 1.68
CA VAL A 41 19.08 1.67 2.55
C VAL A 41 18.08 2.68 1.98
N ALA A 42 16.78 2.51 2.31
CA ALA A 42 15.77 3.49 1.93
C ALA A 42 15.51 4.34 3.19
N VAL A 43 15.51 5.65 3.03
CA VAL A 43 15.26 6.60 4.11
C VAL A 43 14.00 7.44 3.78
N LYS A 44 13.01 7.37 4.66
CA LYS A 44 11.76 8.12 4.58
C LYS A 44 11.83 9.28 5.57
N ALA A 45 11.47 10.45 5.10
CA ALA A 45 11.47 11.65 5.90
C ALA A 45 10.14 12.38 5.71
N LEU A 46 9.70 13.06 6.75
CA LEU A 46 8.52 13.91 6.72
C LEU A 46 8.90 15.18 5.93
N LYS A 47 7.98 15.65 5.07
CA LYS A 47 8.23 16.87 4.32
C LYS A 47 8.11 18.09 5.24
N GLU A 48 8.82 19.16 4.91
CA GLU A 48 8.73 20.40 5.65
C GLU A 48 7.33 20.96 5.38
N GLY A 49 6.64 21.34 6.44
CA GLY A 49 5.30 21.86 6.29
C GLY A 49 4.26 20.99 6.94
N CYS A 50 4.73 19.94 7.62
CA CYS A 50 3.90 19.00 8.35
C CYS A 50 3.87 19.54 9.75
N GLY A 51 2.67 19.90 10.21
CA GLY A 51 2.46 20.45 11.53
C GLY A 51 2.59 19.44 12.66
N PRO A 52 2.37 19.88 13.93
CA PRO A 52 2.50 18.94 15.06
C PRO A 52 1.61 17.71 15.05
N GLN A 53 0.44 17.75 14.37
CA GLN A 53 -0.44 16.57 14.33
C GLN A 53 0.14 15.49 13.42
N LEU A 54 0.75 15.91 12.30
CA LEU A 54 1.41 15.02 11.35
C LEU A 54 2.72 14.50 11.94
N ARG A 55 3.45 15.37 12.66
CA ARG A 55 4.70 15.04 13.35
C ARG A 55 4.51 13.90 14.41
N SER A 56 3.33 13.84 15.07
CA SER A 56 2.96 12.83 16.08
C SER A 56 2.62 11.53 15.40
N GLY A 57 1.86 11.61 14.30
CA GLY A 57 1.50 10.47 13.48
C GLY A 57 2.74 9.80 12.94
N TRP A 58 3.73 10.62 12.51
CA TRP A 58 5.04 10.17 12.01
C TRP A 58 5.75 9.30 13.06
N GLN A 59 5.70 9.69 14.35
CA GLN A 59 6.29 8.91 15.46
C GLN A 59 5.63 7.54 15.58
N ARG A 60 4.27 7.52 15.47
CA ARG A 60 3.44 6.31 15.53
C ARG A 60 3.70 5.40 14.34
N GLU A 61 3.96 5.99 13.14
CA GLU A 61 4.27 5.22 11.93
C GLU A 61 5.56 4.45 12.16
N ILE A 62 6.63 5.17 12.59
CA ILE A 62 7.94 4.57 12.85
C ILE A 62 7.77 3.39 13.81
N GLU A 63 6.93 3.58 14.85
CA GLU A 63 6.64 2.58 15.88
C GLU A 63 5.90 1.37 15.35
N ILE A 64 4.94 1.57 14.41
CA ILE A 64 4.16 0.49 13.77
C ILE A 64 5.10 -0.45 13.00
N LEU A 65 5.98 0.11 12.13
CA LEU A 65 6.96 -0.65 11.34
C LEU A 65 8.01 -1.34 12.22
N ARG A 66 8.43 -0.70 13.34
CA ARG A 66 9.39 -1.24 14.33
C ARG A 66 8.84 -2.60 14.86
N THR A 67 7.50 -2.65 15.06
CA THR A 67 6.65 -3.73 15.55
C THR A 67 6.38 -4.86 14.51
N LEU A 68 6.21 -4.53 13.22
CA LEU A 68 5.87 -5.54 12.20
C LEU A 68 7.03 -6.39 11.71
N TYR A 69 6.85 -7.72 11.75
CA TYR A 69 7.81 -8.74 11.30
C TYR A 69 7.08 -9.77 10.45
N HIS A 70 7.27 -9.65 9.15
CA HIS A 70 6.68 -10.55 8.17
C HIS A 70 7.55 -10.53 6.94
N GLU A 71 7.55 -11.64 6.19
CA GLU A 71 8.36 -11.79 4.99
C GLU A 71 7.85 -10.94 3.83
N HIS A 72 6.60 -10.46 3.92
CA HIS A 72 5.91 -9.68 2.90
C HIS A 72 5.63 -8.25 3.32
N ILE A 73 6.41 -7.76 4.30
CA ILE A 73 6.45 -6.40 4.85
C ILE A 73 7.92 -5.89 4.85
N VAL A 74 8.15 -4.69 4.27
CA VAL A 74 9.46 -4.02 4.21
C VAL A 74 10.07 -3.97 5.62
N LYS A 75 11.33 -4.42 5.76
CA LYS A 75 11.99 -4.49 7.07
C LYS A 75 12.41 -3.12 7.58
N TYR A 76 12.15 -2.86 8.87
CA TYR A 76 12.59 -1.66 9.57
C TYR A 76 14.07 -1.92 9.84
N LYS A 77 14.93 -0.92 9.61
CA LYS A 77 16.34 -1.11 9.95
C LYS A 77 16.73 -0.23 11.11
N GLY A 78 16.13 0.95 11.21
CA GLY A 78 16.46 1.87 12.28
C GLY A 78 16.00 3.28 12.01
N CYS A 79 16.63 4.22 12.70
CA CYS A 79 16.37 5.66 12.64
C CYS A 79 17.62 6.50 12.47
N CYS A 80 17.43 7.71 11.91
CA CYS A 80 18.46 8.71 11.74
C CYS A 80 17.93 9.99 12.41
N GLU A 81 18.48 10.30 13.60
CA GLU A 81 18.10 11.44 14.44
C GLU A 81 18.95 12.64 14.15
N ASP A 82 18.31 13.82 14.07
CA ASP A 82 18.97 15.11 13.85
C ASP A 82 18.89 15.96 15.12
N LYS A 86 16.13 19.63 14.37
CA LYS A 86 16.11 18.33 15.03
C LYS A 86 14.85 17.52 14.65
N SER A 87 15.05 16.54 13.74
CA SER A 87 14.00 15.68 13.15
C SER A 87 14.40 14.20 13.02
N VAL A 88 13.39 13.30 12.86
CA VAL A 88 13.64 11.87 12.73
C VAL A 88 13.33 11.32 11.34
N GLN A 89 14.27 10.54 10.80
CA GLN A 89 14.16 9.86 9.53
C GLN A 89 14.07 8.35 9.78
N LEU A 90 13.21 7.66 9.01
CA LEU A 90 12.98 6.22 9.09
C LEU A 90 13.80 5.44 8.05
N VAL A 91 14.71 4.58 8.54
CA VAL A 91 15.59 3.75 7.73
C VAL A 91 14.99 2.35 7.58
N MET A 92 14.76 1.95 6.32
CA MET A 92 14.22 0.65 5.95
C MET A 92 15.22 0.00 4.99
N GLU A 93 15.00 -1.28 4.70
CA GLU A 93 15.82 -2.02 3.78
C GLU A 93 15.64 -1.51 2.34
N TYR A 94 16.64 -1.74 1.50
CA TYR A 94 16.54 -1.41 0.09
C TYR A 94 16.11 -2.68 -0.66
N VAL A 95 15.04 -2.57 -1.45
CA VAL A 95 14.48 -3.66 -2.25
C VAL A 95 14.75 -3.35 -3.74
N PRO A 96 15.66 -4.12 -4.38
CA PRO A 96 16.12 -3.75 -5.72
C PRO A 96 15.15 -3.68 -6.90
N LEU A 97 13.93 -4.25 -6.82
CA LEU A 97 13.04 -4.23 -7.98
C LEU A 97 11.99 -3.10 -8.09
N GLY A 98 11.81 -2.31 -7.03
CA GLY A 98 10.85 -1.21 -7.03
C GLY A 98 9.39 -1.57 -6.80
N SER A 99 8.49 -0.60 -7.03
CA SER A 99 7.06 -0.81 -6.83
C SER A 99 6.39 -1.51 -8.00
N LEU A 100 5.24 -2.17 -7.76
CA LEU A 100 4.51 -2.84 -8.84
C LEU A 100 4.00 -1.81 -9.84
N ARG A 101 3.77 -0.56 -9.38
CA ARG A 101 3.38 0.51 -10.28
C ARG A 101 4.52 0.81 -11.28
N ASP A 102 5.78 0.76 -10.86
CA ASP A 102 6.90 1.01 -11.76
C ASP A 102 7.45 -0.25 -12.45
N TYR A 103 7.28 -1.42 -11.84
CA TYR A 103 7.74 -2.68 -12.40
C TYR A 103 6.81 -3.21 -13.51
N LEU A 104 5.50 -3.22 -13.29
CA LEU A 104 4.55 -3.77 -14.23
C LEU A 104 4.51 -3.22 -15.65
N PRO A 105 4.52 -1.89 -15.90
CA PRO A 105 4.41 -1.42 -17.29
C PRO A 105 5.54 -1.81 -18.23
N ARG A 106 6.70 -2.19 -17.67
CA ARG A 106 7.91 -2.49 -18.40
C ARG A 106 8.45 -3.93 -18.26
N HIS A 107 7.67 -4.79 -17.65
CA HIS A 107 8.06 -6.19 -17.53
C HIS A 107 6.99 -7.12 -18.06
N CYS A 108 7.42 -8.28 -18.55
CA CYS A 108 6.50 -9.29 -19.03
C CYS A 108 6.19 -10.13 -17.81
N VAL A 109 4.92 -10.07 -17.39
CA VAL A 109 4.47 -10.80 -16.19
C VAL A 109 3.23 -11.56 -16.56
N GLY A 110 3.32 -12.88 -16.55
CA GLY A 110 2.18 -13.74 -16.82
C GLY A 110 1.18 -13.76 -15.67
N LEU A 111 -0.08 -14.11 -16.00
CA LEU A 111 -1.19 -14.19 -15.06
C LEU A 111 -0.88 -14.93 -13.73
N ALA A 112 -0.22 -16.10 -13.82
CA ALA A 112 0.19 -16.90 -12.66
C ALA A 112 1.11 -16.12 -11.70
N GLN A 113 2.11 -15.39 -12.26
CA GLN A 113 3.03 -14.54 -11.48
C GLN A 113 2.26 -13.33 -10.90
N LEU A 114 1.31 -12.75 -11.66
CA LEU A 114 0.44 -11.68 -11.14
C LEU A 114 -0.35 -12.20 -9.92
N LEU A 115 -0.97 -13.41 -10.05
CA LEU A 115 -1.74 -14.05 -8.97
C LEU A 115 -0.91 -14.40 -7.78
N LEU A 116 0.36 -14.78 -8.01
CA LEU A 116 1.32 -15.07 -6.95
C LEU A 116 1.65 -13.76 -6.20
N PHE A 117 1.78 -12.63 -6.93
CA PHE A 117 2.02 -11.30 -6.33
C PHE A 117 0.87 -10.93 -5.41
N ALA A 118 -0.39 -11.12 -5.90
CA ALA A 118 -1.63 -10.84 -5.18
C ALA A 118 -1.68 -11.67 -3.89
N GLN A 119 -1.25 -12.94 -3.96
CA GLN A 119 -1.23 -13.86 -2.83
C GLN A 119 -0.32 -13.40 -1.69
N GLN A 120 0.90 -12.95 -2.03
CA GLN A 120 1.90 -12.44 -1.09
C GLN A 120 1.41 -11.15 -0.42
N ILE A 121 0.64 -10.33 -1.17
CA ILE A 121 0.01 -9.11 -0.66
C ILE A 121 -0.95 -9.51 0.50
N CYS A 122 -1.83 -10.48 0.23
CA CYS A 122 -2.81 -11.05 1.17
C CYS A 122 -2.17 -11.63 2.40
N GLU A 123 -1.02 -12.29 2.22
CA GLU A 123 -0.29 -12.92 3.33
C GLU A 123 0.23 -11.86 4.26
N GLY A 124 0.80 -10.79 3.71
CA GLY A 124 1.32 -9.65 4.50
C GLY A 124 0.16 -8.93 5.14
N MET A 125 -0.92 -8.77 4.35
CA MET A 125 -2.15 -8.13 4.80
C MET A 125 -2.90 -8.91 5.91
N ALA A 126 -2.89 -10.25 5.87
CA ALA A 126 -3.50 -11.09 6.91
C ALA A 126 -2.69 -10.98 8.21
N TYR A 127 -1.36 -10.90 8.09
CA TYR A 127 -0.50 -10.70 9.26
C TYR A 127 -0.78 -9.32 9.85
N LEU A 128 -0.84 -8.26 8.99
CA LEU A 128 -1.13 -6.86 9.40
C LEU A 128 -2.47 -6.75 10.19
N HIS A 129 -3.52 -7.47 9.73
CA HIS A 129 -4.84 -7.53 10.38
C HIS A 129 -4.80 -8.37 11.67
N ALA A 130 -3.90 -9.37 11.77
CA ALA A 130 -3.78 -10.20 12.97
C ALA A 130 -3.11 -9.41 14.08
N GLN A 131 -2.20 -8.48 13.70
CA GLN A 131 -1.47 -7.59 14.62
C GLN A 131 -2.32 -6.39 15.00
N HIS A 132 -3.58 -6.39 14.56
CA HIS A 132 -4.62 -5.39 14.78
C HIS A 132 -4.38 -4.02 14.19
N TYR A 133 -3.90 -4.02 12.93
CA TYR A 133 -3.68 -2.78 12.20
C TYR A 133 -4.43 -2.77 10.90
N ILE A 134 -4.86 -1.58 10.48
CA ILE A 134 -5.45 -1.30 9.17
C ILE A 134 -4.35 -0.54 8.42
N HIS A 135 -4.34 -0.67 7.07
CA HIS A 135 -3.30 -0.09 6.22
C HIS A 135 -3.70 1.28 5.68
N ARG A 136 -4.88 1.39 5.07
CA ARG A 136 -5.48 2.59 4.46
C ARG A 136 -4.87 3.09 3.14
N ALA A 137 -3.80 2.47 2.65
CA ALA A 137 -3.14 2.88 1.40
C ALA A 137 -2.63 1.63 0.58
N LEU A 138 -3.43 0.56 0.53
CA LEU A 138 -3.08 -0.66 -0.23
C LEU A 138 -3.38 -0.43 -1.71
N ALA A 139 -2.33 0.04 -2.39
CA ALA A 139 -2.30 0.36 -3.82
C ALA A 139 -0.99 -0.21 -4.37
N ALA A 140 -0.96 -0.55 -5.67
CA ALA A 140 0.20 -1.15 -6.38
C ALA A 140 1.50 -0.38 -6.18
N ARG A 141 1.38 0.95 -6.06
CA ARG A 141 2.50 1.85 -5.82
C ARG A 141 3.17 1.65 -4.46
N ASN A 142 2.46 1.04 -3.48
CA ASN A 142 3.00 0.80 -2.13
C ASN A 142 3.45 -0.62 -1.90
N VAL A 143 3.25 -1.49 -2.93
CA VAL A 143 3.71 -2.88 -2.97
C VAL A 143 5.06 -2.89 -3.69
N LEU A 144 6.10 -3.46 -3.04
CA LEU A 144 7.45 -3.53 -3.61
C LEU A 144 7.94 -4.93 -3.92
N LEU A 145 8.90 -5.05 -4.89
CA LEU A 145 9.53 -6.33 -5.26
C LEU A 145 10.98 -6.38 -4.82
N ASP A 146 11.33 -7.42 -4.06
CA ASP A 146 12.69 -7.61 -3.58
C ASP A 146 13.35 -8.59 -4.54
N ASN A 147 14.51 -9.11 -4.12
CA ASN A 147 15.26 -10.13 -4.84
C ASN A 147 14.35 -11.33 -5.04
N ASP A 148 14.35 -11.85 -6.27
CA ASP A 148 13.57 -13.03 -6.67
C ASP A 148 12.07 -12.72 -6.71
N ARG A 149 11.73 -11.45 -7.04
CA ARG A 149 10.36 -10.93 -7.18
C ARG A 149 9.45 -11.23 -5.94
N LEU A 150 10.05 -11.20 -4.74
CA LEU A 150 9.40 -11.41 -3.46
C LEU A 150 8.75 -10.08 -3.04
N VAL A 151 7.43 -10.12 -2.89
CA VAL A 151 6.56 -9.00 -2.52
C VAL A 151 6.82 -8.50 -1.10
N LYS A 152 6.83 -7.16 -0.93
CA LYS A 152 6.99 -6.50 0.33
C LYS A 152 6.16 -5.23 0.36
N ILE A 153 5.10 -5.19 1.22
CA ILE A 153 4.24 -4.01 1.42
C ILE A 153 5.23 -2.99 2.00
N GLY A 154 5.37 -1.88 1.30
CA GLY A 154 6.42 -0.91 1.58
C GLY A 154 6.11 0.43 2.21
N ASP A 155 4.82 0.73 2.40
CA ASP A 155 4.50 2.01 3.03
C ASP A 155 3.35 1.87 3.99
N PHE A 156 3.51 2.47 5.21
CA PHE A 156 2.61 2.43 6.36
C PHE A 156 2.26 3.82 6.92
N GLY A 157 2.34 4.84 6.06
CA GLY A 157 2.05 6.23 6.38
C GLY A 157 0.64 6.52 6.86
N LEU A 158 -0.35 5.72 6.44
CA LEU A 158 -1.75 5.89 6.84
C LEU A 158 -2.23 4.73 7.70
N ALA A 159 -1.33 3.81 8.05
CA ALA A 159 -1.67 2.67 8.89
C ALA A 159 -2.09 3.13 10.30
N LYS A 160 -3.11 2.49 10.88
CA LYS A 160 -3.61 2.85 12.20
C LYS A 160 -3.84 1.59 13.01
N ALA A 161 -3.65 1.71 14.33
CA ALA A 161 -3.96 0.66 15.31
C ALA A 161 -5.49 0.67 15.51
N VAL A 162 -6.12 -0.50 15.38
CA VAL A 162 -7.57 -0.64 15.58
C VAL A 162 -7.77 -0.80 17.10
N PRO A 163 -8.56 0.08 17.80
CA PRO A 163 -8.73 -0.05 19.26
C PRO A 163 -9.18 -1.43 19.71
N GLU A 164 -8.55 -1.94 20.80
CA GLU A 164 -8.71 -3.26 21.44
C GLU A 164 -9.69 -4.24 20.77
N GLY A 165 -10.97 -4.16 21.14
CA GLY A 165 -12.02 -5.01 20.59
C GLY A 165 -12.93 -4.28 19.64
N HIS A 166 -12.38 -3.83 18.50
CA HIS A 166 -13.14 -3.13 17.49
C HIS A 166 -12.87 -3.74 16.13
N GLU A 167 -13.82 -3.54 15.20
CA GLU A 167 -13.70 -4.01 13.83
C GLU A 167 -13.34 -2.88 12.88
N TYR A 168 -13.32 -1.63 13.42
CA TYR A 168 -13.01 -0.42 12.65
C TYR A 168 -12.33 0.70 13.44
N TYR A 169 -11.71 1.63 12.71
CA TYR A 169 -11.09 2.82 13.25
C TYR A 169 -11.85 4.00 12.63
N ARG A 170 -12.21 5.01 13.45
CA ARG A 170 -12.92 6.19 12.97
C ARG A 170 -11.90 7.23 12.49
N VAL A 171 -11.84 7.42 11.18
CA VAL A 171 -10.92 8.33 10.53
C VAL A 171 -11.67 9.21 9.55
N ARG A 172 -11.58 10.51 9.81
CA ARG A 172 -12.23 11.64 9.16
C ARG A 172 -11.77 12.06 7.76
N GLU A 173 -12.31 13.24 7.34
CA GLU A 173 -12.17 14.03 6.11
C GLU A 173 -10.82 14.03 5.39
N ASP A 174 -10.84 13.78 4.05
CA ASP A 174 -9.68 13.80 3.14
C ASP A 174 -9.98 13.29 1.74
N GLY A 175 -10.05 14.23 0.80
CA GLY A 175 -10.21 13.92 -0.62
C GLY A 175 -8.83 13.84 -1.25
N ASP A 176 -7.81 13.92 -0.37
CA ASP A 176 -6.37 13.89 -0.60
C ASP A 176 -5.81 12.46 -0.41
N SER A 177 -6.47 11.64 0.45
CA SER A 177 -6.11 10.23 0.70
C SER A 177 -6.47 9.32 -0.52
N PRO A 178 -5.99 8.03 -0.59
CA PRO A 178 -6.29 7.18 -1.77
C PRO A 178 -7.76 6.76 -1.87
N VAL A 179 -8.60 7.73 -2.15
CA VAL A 179 -10.07 7.66 -2.24
C VAL A 179 -10.58 6.70 -3.31
N PHE A 180 -9.88 6.60 -4.45
CA PHE A 180 -10.19 5.71 -5.56
C PHE A 180 -9.90 4.20 -5.27
N TRP A 181 -9.40 3.89 -4.05
CA TRP A 181 -9.10 2.54 -3.56
C TRP A 181 -10.01 2.28 -2.35
N TYR A 182 -10.98 3.19 -2.09
CA TYR A 182 -11.82 3.14 -0.89
C TYR A 182 -13.23 2.61 -1.03
N ALA A 183 -13.61 1.78 -0.04
CA ALA A 183 -14.93 1.19 0.09
C ALA A 183 -15.96 2.29 0.43
N PRO A 184 -17.27 2.13 0.10
CA PRO A 184 -18.23 3.21 0.42
C PRO A 184 -18.38 3.52 1.92
N GLU A 185 -18.28 2.49 2.79
CA GLU A 185 -18.43 2.66 4.25
C GLU A 185 -17.40 3.59 4.90
N CYS A 186 -16.17 3.60 4.40
CA CYS A 186 -15.22 4.56 4.97
C CYS A 186 -15.29 5.91 4.27
N LEU A 187 -15.90 5.95 3.08
CA LEU A 187 -16.10 7.20 2.36
C LEU A 187 -17.33 7.91 2.93
N LYS A 188 -18.45 7.17 3.15
CA LYS A 188 -19.71 7.66 3.68
C LYS A 188 -19.71 7.86 5.22
N GLU A 189 -19.37 6.82 6.00
CA GLU A 189 -19.44 6.84 7.47
C GLU A 189 -18.17 7.22 8.19
N CYS A 190 -17.03 7.37 7.47
CA CYS A 190 -15.72 7.69 8.07
C CYS A 190 -15.20 6.54 8.94
N LYS A 191 -15.73 5.32 8.72
CA LYS A 191 -15.36 4.11 9.47
C LYS A 191 -14.52 3.21 8.57
N PHE A 192 -13.24 3.03 8.91
CA PHE A 192 -12.38 2.15 8.12
C PHE A 192 -12.26 0.79 8.81
N TYR A 193 -12.94 -0.22 8.26
CA TYR A 193 -12.96 -1.60 8.77
C TYR A 193 -11.77 -2.38 8.23
N TYR A 194 -11.55 -3.60 8.77
CA TYR A 194 -10.57 -4.53 8.25
C TYR A 194 -10.99 -4.86 6.82
N ALA A 195 -12.33 -5.05 6.59
CA ALA A 195 -12.95 -5.31 5.29
C ALA A 195 -12.74 -4.15 4.29
N SER A 196 -12.45 -2.93 4.79
CA SER A 196 -12.21 -1.76 3.93
C SER A 196 -10.87 -1.90 3.17
N ASP A 197 -9.88 -2.56 3.79
CA ASP A 197 -8.58 -2.88 3.23
C ASP A 197 -8.72 -3.99 2.17
N VAL A 198 -9.70 -4.89 2.35
CA VAL A 198 -10.00 -5.95 1.37
C VAL A 198 -10.52 -5.31 0.06
N TRP A 199 -11.31 -4.24 0.18
CA TRP A 199 -11.82 -3.49 -0.96
C TRP A 199 -10.62 -2.92 -1.75
N SER A 200 -9.65 -2.32 -1.02
CA SER A 200 -8.42 -1.76 -1.57
C SER A 200 -7.57 -2.85 -2.25
N PHE A 201 -7.59 -4.12 -1.71
CA PHE A 201 -6.89 -5.22 -2.36
C PHE A 201 -7.49 -5.46 -3.74
N GLY A 202 -8.83 -5.47 -3.84
CA GLY A 202 -9.57 -5.64 -5.09
C GLY A 202 -9.12 -4.65 -6.16
N VAL A 203 -8.93 -3.39 -5.78
CA VAL A 203 -8.45 -2.33 -6.68
C VAL A 203 -6.97 -2.54 -7.07
N THR A 204 -6.14 -2.98 -6.12
CA THR A 204 -4.74 -3.32 -6.34
C THR A 204 -4.67 -4.49 -7.35
N LEU A 205 -5.55 -5.52 -7.19
CA LEU A 205 -5.63 -6.68 -8.10
C LEU A 205 -6.05 -6.21 -9.50
N TYR A 206 -6.92 -5.21 -9.57
CA TYR A 206 -7.34 -4.60 -10.82
C TYR A 206 -6.11 -3.93 -11.46
N GLU A 207 -5.31 -3.21 -10.65
CA GLU A 207 -4.09 -2.54 -11.13
C GLU A 207 -3.12 -3.59 -11.70
N LEU A 208 -2.98 -4.76 -11.03
CA LEU A 208 -2.13 -5.87 -11.45
C LEU A 208 -2.59 -6.34 -12.82
N LEU A 209 -3.90 -6.55 -12.98
CA LEU A 209 -4.44 -7.01 -14.26
C LEU A 209 -4.45 -6.02 -15.39
N THR A 210 -4.24 -4.75 -15.09
CA THR A 210 -4.13 -3.69 -16.09
C THR A 210 -2.64 -3.34 -16.23
N TYR A 211 -1.74 -4.10 -15.56
CA TYR A 211 -0.28 -3.85 -15.55
C TYR A 211 0.06 -2.37 -15.21
N CYS A 212 -0.78 -1.75 -14.34
CA CYS A 212 -0.69 -0.34 -13.93
C CYS A 212 -0.71 0.64 -15.11
N ASP A 213 -1.49 0.28 -16.16
CA ASP A 213 -1.70 1.09 -17.35
C ASP A 213 -2.47 2.32 -16.87
N SER A 214 -1.82 3.50 -16.99
CA SER A 214 -2.34 4.80 -16.59
C SER A 214 -3.63 5.19 -17.35
N ASN A 215 -3.88 4.52 -18.48
CA ASN A 215 -5.06 4.75 -19.31
C ASN A 215 -6.26 3.98 -18.76
N GLN A 216 -5.98 2.90 -18.01
CA GLN A 216 -6.97 2.04 -17.37
C GLN A 216 -6.99 2.25 -15.83
N SER A 217 -6.15 3.18 -15.33
CA SER A 217 -5.98 3.47 -13.89
C SER A 217 -7.28 3.88 -13.18
N PRO A 218 -7.46 3.53 -11.88
CA PRO A 218 -8.66 3.98 -11.14
C PRO A 218 -8.92 5.50 -11.25
N HIS A 219 -7.84 6.33 -11.21
CA HIS A 219 -7.95 7.78 -11.39
C HIS A 219 -8.68 8.11 -12.68
N THR A 220 -8.09 7.76 -13.86
CA THR A 220 -8.68 7.97 -15.21
C THR A 220 -10.11 7.39 -15.32
N LYS A 221 -10.36 6.14 -14.85
CA LYS A 221 -11.68 5.49 -14.92
C LYS A 221 -12.75 6.17 -14.07
N PHE A 222 -12.40 6.58 -12.84
CA PHE A 222 -13.35 7.28 -11.96
C PHE A 222 -13.51 8.75 -12.34
N THR A 223 -12.42 9.41 -12.86
CA THR A 223 -12.44 10.80 -13.35
C THR A 223 -13.33 10.87 -14.58
N GLU A 224 -13.37 9.78 -15.39
CA GLU A 224 -14.21 9.63 -16.58
C GLU A 224 -15.68 9.70 -16.17
N LEU A 225 -16.04 9.07 -15.03
CA LEU A 225 -17.40 9.05 -14.51
C LEU A 225 -17.82 10.33 -13.72
N ILE A 226 -17.02 10.71 -12.68
CA ILE A 226 -17.21 11.85 -11.75
C ILE A 226 -16.87 13.21 -12.38
N GLY A 227 -15.83 13.21 -13.23
CA GLY A 227 -15.32 14.42 -13.85
C GLY A 227 -14.22 15.01 -13.00
N HIS A 228 -14.01 16.32 -13.14
CA HIS A 228 -13.00 17.02 -12.35
C HIS A 228 -13.59 17.50 -11.01
N THR A 229 -13.09 16.90 -9.91
CA THR A 229 -13.49 17.16 -8.52
C THR A 229 -12.27 17.19 -7.59
N GLN A 230 -12.44 17.81 -6.42
CA GLN A 230 -11.40 17.95 -5.38
C GLN A 230 -12.03 17.75 -3.99
N GLY A 231 -11.20 17.43 -3.00
CA GLY A 231 -11.59 17.22 -1.62
C GLY A 231 -12.82 16.37 -1.36
N GLN A 232 -13.72 16.89 -0.51
CA GLN A 232 -14.96 16.21 -0.15
C GLN A 232 -15.96 16.05 -1.29
N MET A 233 -15.80 16.84 -2.37
CA MET A 233 -16.64 16.71 -3.56
C MET A 233 -16.35 15.36 -4.24
N THR A 234 -15.05 14.97 -4.34
CA THR A 234 -14.62 13.66 -4.89
C THR A 234 -15.19 12.51 -4.02
N VAL A 235 -15.06 12.63 -2.67
CA VAL A 235 -15.55 11.65 -1.68
C VAL A 235 -17.08 11.39 -1.89
N LEU A 236 -17.87 12.48 -2.05
CA LEU A 236 -19.32 12.48 -2.25
C LEU A 236 -19.76 11.82 -3.54
N ARG A 237 -19.20 12.29 -4.66
CA ARG A 237 -19.49 11.81 -6.01
C ARG A 237 -19.16 10.34 -6.18
N LEU A 238 -18.06 9.89 -5.56
CA LEU A 238 -17.62 8.49 -5.56
C LEU A 238 -18.58 7.60 -4.76
N THR A 239 -19.03 8.06 -3.56
CA THR A 239 -19.99 7.38 -2.68
C THR A 239 -21.27 7.15 -3.47
N GLU A 240 -21.71 8.21 -4.18
CA GLU A 240 -22.88 8.22 -5.05
C GLU A 240 -22.81 7.08 -6.09
N LEU A 241 -21.63 6.92 -6.76
CA LEU A 241 -21.37 5.86 -7.73
C LEU A 241 -21.34 4.46 -7.11
N LEU A 242 -20.56 4.28 -6.03
CA LEU A 242 -20.34 2.99 -5.39
C LEU A 242 -21.57 2.29 -4.82
N GLU A 243 -22.29 2.93 -3.86
CA GLU A 243 -23.47 2.28 -3.25
C GLU A 243 -24.66 2.09 -4.20
N ARG A 244 -24.58 2.77 -5.36
CA ARG A 244 -25.44 2.70 -6.53
C ARG A 244 -25.17 1.33 -7.22
N GLY A 245 -23.92 0.82 -7.12
CA GLY A 245 -23.50 -0.47 -7.68
C GLY A 245 -22.37 -0.44 -8.68
N GLU A 246 -21.98 0.75 -9.13
CA GLU A 246 -20.89 0.93 -10.09
C GLU A 246 -19.49 0.50 -9.54
N ARG A 247 -18.78 -0.33 -10.34
CA ARG A 247 -17.46 -0.90 -10.07
C ARG A 247 -16.49 -0.68 -11.25
N LEU A 248 -15.17 -0.82 -11.01
CA LEU A 248 -14.16 -0.72 -12.08
C LEU A 248 -14.44 -1.82 -13.13
N PRO A 249 -14.16 -1.59 -14.44
CA PRO A 249 -14.48 -2.62 -15.45
C PRO A 249 -13.61 -3.86 -15.38
N ARG A 250 -13.95 -4.88 -16.18
CA ARG A 250 -13.15 -6.09 -16.31
C ARG A 250 -11.94 -5.66 -17.15
N PRO A 251 -10.68 -5.75 -16.63
CA PRO A 251 -9.53 -5.33 -17.45
C PRO A 251 -9.35 -6.17 -18.72
N ASP A 252 -8.65 -5.60 -19.72
CA ASP A 252 -8.33 -6.30 -20.97
C ASP A 252 -7.52 -7.55 -20.64
N ARG A 253 -7.92 -8.72 -21.19
CA ARG A 253 -7.29 -10.03 -21.00
C ARG A 253 -7.48 -10.65 -19.61
N CYS A 254 -8.40 -10.10 -18.80
CA CYS A 254 -8.66 -10.64 -17.46
C CYS A 254 -9.70 -11.80 -17.50
N PRO A 255 -9.36 -13.03 -17.01
CA PRO A 255 -10.35 -14.12 -16.96
C PRO A 255 -11.46 -13.79 -15.99
N CYS A 256 -12.73 -14.00 -16.41
CA CYS A 256 -13.94 -13.71 -15.63
C CYS A 256 -13.87 -14.10 -14.15
N GLU A 257 -13.38 -15.33 -13.82
CA GLU A 257 -13.25 -15.78 -12.42
C GLU A 257 -12.34 -14.89 -11.54
N ILE A 258 -11.36 -14.20 -12.17
CA ILE A 258 -10.45 -13.29 -11.45
C ILE A 258 -11.19 -11.99 -11.17
N TYR A 259 -11.98 -11.51 -12.16
CA TYR A 259 -12.79 -10.31 -12.04
C TYR A 259 -13.87 -10.51 -10.96
N HIS A 260 -14.41 -11.74 -10.83
CA HIS A 260 -15.39 -12.10 -9.82
C HIS A 260 -14.76 -12.04 -8.43
N LEU A 261 -13.43 -12.33 -8.35
CA LEU A 261 -12.63 -12.26 -7.14
C LEU A 261 -12.53 -10.80 -6.73
N MET A 262 -12.29 -9.92 -7.73
CA MET A 262 -12.26 -8.48 -7.54
C MET A 262 -13.62 -8.03 -6.99
N LYS A 263 -14.72 -8.42 -7.70
CA LYS A 263 -16.12 -8.10 -7.36
C LYS A 263 -16.51 -8.58 -5.96
N ASN A 264 -15.97 -9.72 -5.53
CA ASN A 264 -16.23 -10.22 -4.18
C ASN A 264 -15.58 -9.35 -3.12
N CYS A 265 -14.41 -8.74 -3.43
CA CYS A 265 -13.68 -7.84 -2.54
C CYS A 265 -14.38 -6.49 -2.50
N TRP A 266 -15.25 -6.25 -3.50
CA TRP A 266 -16.03 -5.05 -3.73
C TRP A 266 -17.50 -5.16 -3.33
N GLU A 267 -17.89 -6.14 -2.49
CA GLU A 267 -19.28 -6.24 -2.01
C GLU A 267 -19.65 -4.93 -1.26
N THR A 268 -20.82 -4.33 -1.52
CA THR A 268 -21.24 -3.11 -0.82
C THR A 268 -21.21 -3.32 0.70
N GLU A 269 -21.78 -4.47 1.14
CA GLU A 269 -21.82 -4.87 2.54
C GLU A 269 -20.46 -5.43 2.94
N ALA A 270 -19.67 -4.62 3.69
CA ALA A 270 -18.33 -4.93 4.20
C ALA A 270 -18.19 -6.36 4.74
N SER A 271 -19.12 -6.80 5.59
CA SER A 271 -19.18 -8.14 6.21
C SER A 271 -19.32 -9.30 5.20
N PHE A 272 -19.73 -9.00 3.94
CA PHE A 272 -19.85 -10.01 2.88
C PHE A 272 -18.58 -10.18 2.01
N ARG A 273 -17.48 -9.46 2.31
CA ARG A 273 -16.23 -9.54 1.55
C ARG A 273 -15.33 -10.61 2.15
N PRO A 274 -14.50 -11.32 1.35
CA PRO A 274 -13.61 -12.33 1.94
C PRO A 274 -12.55 -11.69 2.86
N THR A 275 -11.95 -12.50 3.73
CA THR A 275 -10.91 -11.95 4.60
C THR A 275 -9.59 -12.19 3.88
N PHE A 276 -8.49 -11.55 4.34
CA PHE A 276 -7.19 -11.78 3.74
C PHE A 276 -6.78 -13.23 3.99
N GLN A 277 -7.14 -13.74 5.18
CA GLN A 277 -6.96 -15.13 5.62
C GLN A 277 -7.64 -16.10 4.60
N ASN A 278 -8.83 -15.73 4.08
CA ASN A 278 -9.61 -16.51 3.10
C ASN A 278 -9.05 -16.35 1.71
N LEU A 279 -8.49 -15.18 1.40
CA LEU A 279 -7.95 -14.86 0.07
C LEU A 279 -6.68 -15.62 -0.28
N VAL A 280 -5.82 -15.90 0.71
CA VAL A 280 -4.56 -16.63 0.53
C VAL A 280 -4.75 -17.99 -0.20
N PRO A 281 -5.54 -18.98 0.31
CA PRO A 281 -5.75 -20.24 -0.45
C PRO A 281 -6.48 -20.08 -1.78
N ILE A 282 -7.37 -19.09 -1.91
CA ILE A 282 -8.14 -18.85 -3.15
C ILE A 282 -7.19 -18.50 -4.29
N LEU A 283 -6.21 -17.63 -4.00
CA LEU A 283 -5.20 -17.19 -4.94
C LEU A 283 -4.18 -18.27 -5.22
N GLN A 284 -3.83 -19.12 -4.22
CA GLN A 284 -2.92 -20.26 -4.37
C GLN A 284 -3.45 -21.21 -5.46
N THR A 285 -4.76 -21.52 -5.38
CA THR A 285 -5.49 -22.36 -6.32
C THR A 285 -5.58 -21.67 -7.68
N ALA A 286 -5.89 -20.37 -7.69
CA ALA A 286 -5.98 -19.57 -8.93
C ALA A 286 -4.61 -19.58 -9.64
N GLN A 287 -3.54 -19.43 -8.84
CA GLN A 287 -2.13 -19.45 -9.23
C GLN A 287 -1.80 -20.81 -9.86
N GLU A 288 -2.29 -21.91 -9.24
CA GLU A 288 -2.09 -23.29 -9.71
C GLU A 288 -2.82 -23.58 -11.00
N LYS A 289 -4.07 -23.11 -11.11
CA LYS A 289 -4.93 -23.25 -12.29
C LYS A 289 -4.22 -22.81 -13.58
N TYR A 290 -3.54 -21.64 -13.57
CA TYR A 290 -2.83 -21.10 -14.74
C TYR A 290 -1.35 -21.43 -14.63
N GLN A 291 -0.86 -22.44 -15.41
CA GLN A 291 0.51 -22.97 -15.38
C GLN A 291 0.86 -23.59 -14.00
#